data_7BO6
#
_entry.id   7BO6
#
_cell.length_a   66.390
_cell.length_b   66.390
_cell.length_c   263.820
_cell.angle_alpha   90.000
_cell.angle_beta   90.000
_cell.angle_gamma   120.000
#
_symmetry.space_group_name_H-M   'P 65 2 2'
#
loop_
_entity.id
_entity.type
_entity.pdbx_description
1 polymer 'Vitamin D3 receptor A'
2 polymer 'Nuclear receptor coactivator 1'
3 non-polymer '(4R)-4-[(3R,5R,8R,9S,10S,13R,14S,17R)-10,13-dimethyl-3-(2-methyl-2-oxidanyl-propyl)-2,3,4,5,6,7,8,9,11,12,14,15,16,17-tetradecahydro-1H-cyclopenta[a]phenanthren-17-yl]pentanoic acid'
4 water water
#
loop_
_entity_poly.entity_id
_entity_poly.type
_entity_poly.pdbx_seq_one_letter_code
_entity_poly.pdbx_strand_id
1 'polypeptide(L)'
;GSHMLSDEQMQIINSLVEAHHKTYDDSYSDFVRFRPPVREGPVTRSASRAASLHSLSDASSDSFNHSPESVDTKLNFSNL
LMMYQDSGSPDSSEEDQQSRLSMLPHLADLVSYSIQKVIGFAKMIPGFRDLTAEDQIALLKSSAIEIIMLRSNQSFSLED
MSWSCGGPDFKYCINDVTKAGHTLELLEPLVKFQVGLKKLKLHEEEHVLLMAICLLSPDRPGVQDHVRIEALQDRLCDVL
QAYIRIQHPGGRLLYAKMIQKLADLRSLNEEHSKQYRSLSFQPEHSMQLTPLVLEVFGSEVS
;
A
2 'polypeptide(L)' RHKILHRLLQEGSPS B
#
loop_
_chem_comp.id
_chem_comp.type
_chem_comp.name
_chem_comp.formula
FKC non-polymer '(4R)-4-[(3R,5R,8R,9S,10S,13R,14S,17R)-10,13-dimethyl-3-(2-methyl-2-oxidanyl-propyl)-2,3,4,5,6,7,8,9,11,12,14,15,16,17-tetradecahydro-1H-cyclopenta[a]phenanthren-17-yl]pentanoic acid' 'C28 H48 O3'
#
# COMPACT_ATOMS: atom_id res chain seq x y z
N MET A 4 26.68 -12.52 -6.63
CA MET A 4 25.59 -12.93 -7.53
C MET A 4 24.31 -13.36 -6.82
N LEU A 5 23.24 -13.57 -7.58
CA LEU A 5 21.95 -13.99 -7.05
C LEU A 5 21.60 -15.41 -7.47
N SER A 6 20.90 -16.10 -6.57
CA SER A 6 20.42 -17.44 -6.84
C SER A 6 19.36 -17.42 -7.94
N ASP A 7 19.20 -18.58 -8.59
CA ASP A 7 18.08 -18.75 -9.51
C ASP A 7 16.75 -18.72 -8.77
N GLU A 8 16.71 -19.29 -7.56
CA GLU A 8 15.49 -19.23 -6.76
C GLU A 8 15.24 -17.83 -6.23
N GLN A 9 16.29 -17.05 -6.00
CA GLN A 9 16.12 -15.67 -5.53
C GLN A 9 15.57 -14.78 -6.62
N MET A 10 15.80 -15.13 -7.88
CA MET A 10 15.34 -14.27 -8.96
C MET A 10 13.97 -14.68 -9.47
N GLN A 11 13.55 -15.93 -9.24
CA GLN A 11 12.16 -16.28 -9.48
C GLN A 11 11.23 -15.50 -8.55
N ILE A 12 11.68 -15.23 -7.32
CA ILE A 12 10.94 -14.37 -6.40
C ILE A 12 10.76 -12.99 -7.01
N ILE A 13 11.84 -12.42 -7.54
CA ILE A 13 11.77 -11.08 -8.12
C ILE A 13 10.91 -11.09 -9.37
N ASN A 14 11.07 -12.11 -10.22
CA ASN A 14 10.24 -12.19 -11.40
C ASN A 14 8.76 -12.27 -11.03
N SER A 15 8.41 -13.21 -10.14
CA SER A 15 6.99 -13.38 -9.84
C SER A 15 6.42 -12.15 -9.12
N LEU A 16 7.24 -11.44 -8.34
CA LEU A 16 6.79 -10.21 -7.69
C LEU A 16 6.59 -9.08 -8.69
N VAL A 17 7.48 -8.97 -9.67
CA VAL A 17 7.33 -7.91 -10.65
C VAL A 17 6.14 -8.20 -11.56
N GLU A 18 5.95 -9.47 -11.95
CA GLU A 18 4.81 -9.87 -12.75
C GLU A 18 3.50 -9.63 -12.01
N ALA A 19 3.56 -9.75 -10.68
CA ALA A 19 2.36 -9.58 -9.81
C ALA A 19 2.06 -8.09 -9.61
N HIS A 20 2.98 -7.22 -10.04
CA HIS A 20 2.78 -5.74 -9.88
C HIS A 20 2.07 -5.18 -11.12
N HIS A 21 2.67 -5.37 -12.31
CA HIS A 21 2.08 -4.86 -13.58
C HIS A 21 0.62 -5.31 -13.70
N LYS A 22 0.31 -6.52 -13.21
CA LYS A 22 -1.03 -7.05 -13.28
C LYS A 22 -2.00 -6.19 -12.47
N THR A 23 -1.55 -5.69 -11.34
CA THR A 23 -2.41 -5.04 -10.37
C THR A 23 -2.17 -3.53 -10.31
N TYR A 24 -1.36 -2.98 -11.20
CA TYR A 24 -1.20 -1.53 -11.28
C TYR A 24 -1.38 -1.13 -12.73
N ASP A 25 -2.43 -0.38 -13.01
CA ASP A 25 -2.73 0.05 -14.36
C ASP A 25 -2.11 1.43 -14.51
N ASP A 26 -1.11 1.54 -15.37
CA ASP A 26 -0.44 2.81 -15.58
C ASP A 26 -1.30 3.79 -16.35
N SER A 27 -2.38 3.34 -16.97
CA SER A 27 -3.31 4.24 -17.68
C SER A 27 -4.40 4.79 -16.78
N TYR A 28 -4.60 4.21 -15.60
CA TYR A 28 -5.60 4.67 -14.64
C TYR A 28 -6.97 4.81 -15.30
N SER A 29 -7.26 3.92 -16.24
CA SER A 29 -8.45 4.04 -17.07
C SER A 29 -9.72 3.61 -16.35
N ASP A 30 -9.61 3.14 -15.11
CA ASP A 30 -10.78 2.78 -14.31
C ASP A 30 -11.17 3.86 -13.31
N PHE A 31 -10.47 4.99 -13.29
CA PHE A 31 -10.85 6.07 -12.38
C PHE A 31 -12.13 6.75 -12.84
N VAL A 32 -12.38 6.78 -14.14
CA VAL A 32 -13.61 7.34 -14.67
C VAL A 32 -14.86 6.63 -14.15
N ARG A 33 -14.69 5.45 -13.55
CA ARG A 33 -15.78 4.70 -12.97
C ARG A 33 -16.02 5.02 -11.50
N PHE A 34 -15.26 5.94 -10.91
CA PHE A 34 -15.46 6.30 -9.52
C PHE A 34 -16.45 7.44 -9.43
N ARG A 35 -17.02 7.60 -8.24
CA ARG A 35 -17.82 8.79 -7.99
C ARG A 35 -16.98 10.03 -8.30
N PRO A 36 -17.46 10.93 -9.16
CA PRO A 36 -16.59 11.99 -9.67
C PRO A 36 -16.01 12.83 -8.55
N PRO A 37 -14.87 13.48 -8.80
CA PRO A 37 -14.32 14.41 -7.79
C PRO A 37 -15.12 15.70 -7.73
N VAL A 38 -15.04 16.35 -6.57
CA VAL A 38 -15.63 17.66 -6.36
C VAL A 38 -14.63 18.52 -5.60
N ARG A 39 -14.39 19.73 -6.09
CA ARG A 39 -13.46 20.64 -5.42
C ARG A 39 -14.08 22.02 -5.21
N ARG A 100 -13.98 19.49 4.05
CA ARG A 100 -15.39 19.83 3.84
C ARG A 100 -16.15 18.64 3.31
N LEU A 101 -15.44 17.52 3.20
CA LEU A 101 -16.02 16.20 2.93
C LEU A 101 -16.40 16.01 1.46
N SER A 102 -16.48 17.09 0.70
CA SER A 102 -16.34 16.98 -0.74
C SER A 102 -15.12 16.12 -1.03
N MET A 103 -15.10 15.44 -2.17
CA MET A 103 -13.90 14.71 -2.59
C MET A 103 -13.74 13.37 -1.84
N LEU A 104 -14.41 13.17 -0.70
CA LEU A 104 -14.45 11.90 0.02
C LEU A 104 -15.14 10.79 -0.76
N PRO A 105 -16.27 11.05 -1.45
CA PRO A 105 -16.83 10.00 -2.31
C PRO A 105 -15.82 9.44 -3.29
N HIS A 106 -15.19 10.33 -4.07
CA HIS A 106 -14.12 9.94 -4.99
C HIS A 106 -13.01 9.18 -4.30
N LEU A 107 -12.40 9.77 -3.26
CA LEU A 107 -11.22 9.16 -2.67
C LEU A 107 -11.53 7.83 -1.99
N ALA A 108 -12.71 7.71 -1.36
CA ALA A 108 -13.15 6.43 -0.82
C ALA A 108 -13.31 5.38 -1.91
N ASP A 109 -13.82 5.78 -3.06
CA ASP A 109 -13.87 4.87 -4.21
C ASP A 109 -12.46 4.49 -4.66
N LEU A 110 -11.59 5.51 -4.82
CA LEU A 110 -10.20 5.27 -5.15
C LEU A 110 -9.56 4.25 -4.21
N VAL A 111 -9.66 4.48 -2.88
CA VAL A 111 -9.04 3.59 -1.91
C VAL A 111 -9.61 2.19 -2.03
N SER A 112 -10.93 2.08 -2.15
CA SER A 112 -11.59 0.78 -2.32
C SER A 112 -11.03 0.02 -3.52
N TYR A 113 -10.85 0.70 -4.66
CA TYR A 113 -10.23 0.06 -5.81
C TYR A 113 -8.80 -0.37 -5.50
N SER A 114 -8.07 0.47 -4.76
CA SER A 114 -6.68 0.16 -4.46
C SER A 114 -6.55 -1.09 -3.60
N ILE A 115 -7.43 -1.24 -2.60
CA ILE A 115 -7.43 -2.45 -1.76
C ILE A 115 -7.60 -3.69 -2.62
N GLN A 116 -8.44 -3.63 -3.66
CA GLN A 116 -8.65 -4.82 -4.45
C GLN A 116 -7.40 -5.20 -5.23
N LYS A 117 -6.66 -4.19 -5.68
CA LYS A 117 -5.41 -4.47 -6.38
C LYS A 117 -4.30 -4.92 -5.41
N VAL A 118 -4.32 -4.45 -4.16
CA VAL A 118 -3.40 -4.97 -3.14
C VAL A 118 -3.68 -6.45 -2.86
N ILE A 119 -4.97 -6.81 -2.67
CA ILE A 119 -5.31 -8.22 -2.43
C ILE A 119 -4.86 -9.09 -3.60
N GLY A 120 -5.07 -8.63 -4.83
CA GLY A 120 -4.55 -9.35 -5.98
C GLY A 120 -3.04 -9.51 -5.95
N PHE A 121 -2.33 -8.45 -5.54
CA PHE A 121 -0.88 -8.51 -5.46
C PHE A 121 -0.42 -9.51 -4.41
N ALA A 122 -0.99 -9.41 -3.21
CA ALA A 122 -0.70 -10.34 -2.13
C ALA A 122 -0.82 -11.80 -2.60
N LYS A 123 -1.96 -12.15 -3.22
CA LYS A 123 -2.23 -13.53 -3.62
C LYS A 123 -1.15 -14.09 -4.56
N MET A 124 -0.35 -13.24 -5.19
CA MET A 124 0.72 -13.69 -6.08
C MET A 124 2.11 -13.61 -5.45
N ILE A 125 2.23 -13.04 -4.24
CA ILE A 125 3.48 -13.15 -3.50
C ILE A 125 3.77 -14.62 -3.23
N PRO A 126 4.95 -15.14 -3.60
CA PRO A 126 5.25 -16.56 -3.41
C PRO A 126 5.17 -16.99 -1.94
N GLY A 127 4.14 -17.76 -1.59
CA GLY A 127 3.96 -18.28 -0.26
C GLY A 127 2.90 -17.58 0.58
N PHE A 128 2.38 -16.44 0.12
CA PHE A 128 1.28 -15.80 0.83
C PHE A 128 0.00 -16.63 0.70
N ARG A 129 -0.22 -17.20 -0.47
CA ARG A 129 -1.43 -17.98 -0.68
C ARG A 129 -1.44 -19.26 0.15
N ASP A 130 -0.29 -19.70 0.65
CA ASP A 130 -0.19 -20.90 1.46
C ASP A 130 -0.51 -20.67 2.93
N LEU A 131 -0.71 -19.43 3.35
CA LEU A 131 -1.06 -19.15 4.73
C LEU A 131 -2.53 -19.48 4.97
N THR A 132 -2.90 -19.55 6.24
CA THR A 132 -4.31 -19.73 6.57
C THR A 132 -5.08 -18.45 6.26
N ALA A 133 -6.39 -18.62 6.00
CA ALA A 133 -7.23 -17.48 5.64
C ALA A 133 -7.27 -16.44 6.74
N GLU A 134 -7.15 -16.87 8.00
CA GLU A 134 -7.15 -15.92 9.11
C GLU A 134 -5.91 -15.05 9.08
N ASP A 135 -4.75 -15.61 8.70
CA ASP A 135 -3.53 -14.82 8.64
C ASP A 135 -3.48 -13.96 7.39
N GLN A 136 -4.01 -14.44 6.26
CA GLN A 136 -4.05 -13.59 5.07
C GLN A 136 -4.93 -12.37 5.32
N ILE A 137 -6.13 -12.59 5.88
CA ILE A 137 -7.01 -11.49 6.26
C ILE A 137 -6.30 -10.57 7.24
N ALA A 138 -5.61 -11.14 8.25
CA ALA A 138 -5.04 -10.33 9.32
C ALA A 138 -3.92 -9.43 8.82
N LEU A 139 -3.05 -9.97 7.96
CA LEU A 139 -1.98 -9.16 7.39
C LEU A 139 -2.53 -8.05 6.51
N LEU A 140 -3.51 -8.37 5.66
CA LEU A 140 -4.10 -7.33 4.82
C LEU A 140 -4.82 -6.28 5.66
N LYS A 141 -5.53 -6.70 6.71
CA LYS A 141 -6.29 -5.72 7.49
C LYS A 141 -5.37 -4.69 8.13
N SER A 142 -4.14 -5.07 8.48
CA SER A 142 -3.23 -4.14 9.13
C SER A 142 -2.30 -3.42 8.16
N SER A 143 -2.04 -3.97 6.96
CA SER A 143 -1.04 -3.43 6.04
C SER A 143 -1.60 -2.77 4.79
N ALA A 144 -2.90 -2.88 4.54
CA ALA A 144 -3.47 -2.36 3.29
C ALA A 144 -3.14 -0.89 3.08
N ILE A 145 -3.44 -0.05 4.08
CA ILE A 145 -3.27 1.37 3.91
C ILE A 145 -1.79 1.73 3.75
N GLU A 146 -0.90 0.93 4.34
CA GLU A 146 0.54 1.17 4.14
C GLU A 146 0.94 0.87 2.70
N ILE A 147 0.40 -0.20 2.10
CA ILE A 147 0.81 -0.58 0.74
C ILE A 147 0.23 0.36 -0.29
N ILE A 148 -0.95 0.94 -0.01
CA ILE A 148 -1.53 1.91 -0.93
C ILE A 148 -0.69 3.18 -0.97
N MET A 149 -0.32 3.73 0.19
CA MET A 149 0.65 4.81 0.25
C MET A 149 1.95 4.43 -0.44
N LEU A 150 2.35 3.16 -0.34
CA LEU A 150 3.60 2.70 -0.93
C LEU A 150 3.53 2.70 -2.46
N ARG A 151 2.49 2.06 -3.01
CA ARG A 151 2.39 1.86 -4.46
C ARG A 151 2.04 3.14 -5.20
N SER A 152 1.47 4.12 -4.49
CA SER A 152 1.12 5.40 -5.12
C SER A 152 2.34 6.28 -5.36
N ASN A 153 3.50 5.90 -4.83
CA ASN A 153 4.73 6.60 -5.17
C ASN A 153 4.99 6.60 -6.67
N GLN A 154 4.48 5.60 -7.40
CA GLN A 154 4.72 5.52 -8.83
C GLN A 154 4.04 6.66 -9.60
N SER A 155 2.96 7.23 -9.06
CA SER A 155 2.29 8.37 -9.69
C SER A 155 2.56 9.71 -9.00
N PHE A 156 3.19 9.69 -7.82
CA PHE A 156 3.56 10.94 -7.16
C PHE A 156 4.65 11.67 -7.95
N SER A 157 4.41 12.94 -8.25
CA SER A 157 5.34 13.80 -8.99
C SER A 157 6.07 14.73 -8.03
N LEU A 158 7.41 14.72 -8.08
CA LEU A 158 8.17 15.70 -7.30
C LEU A 158 7.96 17.11 -7.83
N GLU A 159 7.79 17.24 -9.14
CA GLU A 159 7.62 18.56 -9.75
C GLU A 159 6.33 19.22 -9.29
N ASP A 160 5.24 18.46 -9.19
CA ASP A 160 3.93 18.99 -8.82
C ASP A 160 3.59 18.81 -7.36
N MET A 161 4.32 17.97 -6.63
CA MET A 161 3.96 17.57 -5.27
C MET A 161 2.53 17.05 -5.21
N SER A 162 2.09 16.43 -6.30
CA SER A 162 0.78 15.85 -6.35
C SER A 162 0.90 14.46 -6.97
N TRP A 163 -0.16 13.68 -6.84
CA TRP A 163 -0.29 12.44 -7.57
C TRP A 163 -0.98 12.71 -8.89
N SER A 164 -0.37 12.30 -10.00
CA SER A 164 -0.88 12.53 -11.35
C SER A 164 -1.26 11.18 -11.96
N CYS A 165 -2.57 10.99 -12.23
CA CYS A 165 -3.10 9.71 -12.69
C CYS A 165 -3.79 9.81 -14.04
N GLY A 166 -3.47 10.82 -14.84
CA GLY A 166 -4.14 11.00 -16.10
C GLY A 166 -5.35 11.90 -15.99
N GLY A 167 -5.12 13.14 -15.59
CA GLY A 167 -6.20 14.04 -15.26
C GLY A 167 -6.68 14.92 -16.41
N PRO A 168 -6.80 16.22 -16.15
CA PRO A 168 -6.51 16.88 -14.87
C PRO A 168 -7.53 16.59 -13.75
N ASP A 169 -8.61 15.90 -14.10
CA ASP A 169 -9.64 15.57 -13.08
C ASP A 169 -9.04 14.63 -12.03
N PHE A 170 -7.90 13.98 -12.34
CA PHE A 170 -7.31 13.02 -11.41
C PHE A 170 -5.96 13.51 -10.90
N LYS A 171 -5.75 14.82 -10.85
CA LYS A 171 -4.58 15.41 -10.22
C LYS A 171 -4.94 15.81 -8.80
N TYR A 172 -4.23 15.25 -7.82
CA TYR A 172 -4.61 15.40 -6.41
C TYR A 172 -3.60 16.27 -5.66
N CYS A 173 -3.90 17.57 -5.58
CA CYS A 173 -3.13 18.47 -4.75
C CYS A 173 -3.41 18.20 -3.28
N ILE A 174 -2.74 18.96 -2.41
CA ILE A 174 -3.05 18.81 -0.99
C ILE A 174 -4.42 19.37 -0.70
N ASN A 175 -4.85 20.40 -1.44
CA ASN A 175 -6.20 20.92 -1.26
C ASN A 175 -7.25 19.87 -1.56
N ASP A 176 -6.97 18.96 -2.48
CA ASP A 176 -7.95 17.95 -2.85
C ASP A 176 -8.03 16.86 -1.79
N VAL A 177 -6.89 16.46 -1.24
CA VAL A 177 -6.85 15.38 -0.26
C VAL A 177 -7.23 15.86 1.15
N THR A 178 -7.11 17.16 1.43
CA THR A 178 -7.57 17.67 2.71
C THR A 178 -9.07 17.61 2.85
N LYS A 179 -9.79 17.45 1.74
CA LYS A 179 -11.24 17.49 1.72
C LYS A 179 -11.90 16.13 1.95
N ALA A 180 -11.17 15.04 2.13
CA ALA A 180 -11.82 13.76 2.38
C ALA A 180 -11.95 13.43 3.88
N GLY A 181 -12.01 14.45 4.73
CA GLY A 181 -12.22 14.20 6.13
C GLY A 181 -10.97 14.00 6.96
N HIS A 182 -9.78 14.12 6.39
CA HIS A 182 -8.55 13.91 7.11
C HIS A 182 -7.81 15.23 7.28
N THR A 183 -7.19 15.40 8.45
CA THR A 183 -6.50 16.64 8.78
C THR A 183 -5.08 16.63 8.18
N LEU A 184 -4.44 17.81 8.19
CA LEU A 184 -3.06 17.91 7.77
C LEU A 184 -2.11 17.18 8.71
N GLU A 185 -2.60 16.77 9.89
CA GLU A 185 -1.77 15.96 10.78
C GLU A 185 -1.48 14.58 10.17
N LEU A 186 -2.24 14.15 9.15
CA LEU A 186 -1.91 12.98 8.35
C LEU A 186 -1.33 13.33 6.98
N LEU A 187 -1.77 14.42 6.38
CA LEU A 187 -1.35 14.70 5.03
C LEU A 187 0.09 15.21 4.98
N GLU A 188 0.51 15.96 6.01
CA GLU A 188 1.88 16.43 6.08
C GLU A 188 2.90 15.27 6.10
N PRO A 189 2.88 14.36 7.09
CA PRO A 189 3.85 13.24 7.03
C PRO A 189 3.75 12.42 5.77
N LEU A 190 2.55 12.23 5.24
CA LEU A 190 2.39 11.41 4.04
C LEU A 190 3.09 12.04 2.84
N VAL A 191 2.94 13.36 2.67
CA VAL A 191 3.58 14.01 1.53
C VAL A 191 5.10 14.03 1.69
N LYS A 192 5.58 14.31 2.90
CA LYS A 192 7.02 14.20 3.18
C LYS A 192 7.50 12.77 2.96
N PHE A 193 6.68 11.77 3.33
CA PHE A 193 7.04 10.40 3.01
C PHE A 193 7.21 10.20 1.52
N GLN A 194 6.32 10.83 0.73
CA GLN A 194 6.32 10.63 -0.72
C GLN A 194 7.58 11.19 -1.37
N VAL A 195 8.06 12.34 -0.90
CA VAL A 195 9.30 12.86 -1.49
C VAL A 195 10.51 12.07 -1.00
N GLY A 196 10.52 11.63 0.25
CA GLY A 196 11.63 10.84 0.73
C GLY A 196 11.78 9.54 -0.04
N LEU A 197 10.66 8.92 -0.39
CA LEU A 197 10.70 7.68 -1.15
C LEU A 197 11.02 7.94 -2.63
N LYS A 198 10.53 9.04 -3.19
CA LYS A 198 10.82 9.35 -4.58
C LYS A 198 12.27 9.77 -4.77
N LYS A 199 12.88 10.36 -3.74
CA LYS A 199 14.28 10.77 -3.82
C LYS A 199 15.23 9.59 -3.76
N LEU A 200 14.81 8.50 -3.11
CA LEU A 200 15.60 7.26 -3.08
C LEU A 200 15.81 6.67 -4.47
N LYS A 201 14.98 7.01 -5.45
CA LYS A 201 15.09 6.53 -6.83
C LYS A 201 15.26 5.01 -6.87
N LEU A 202 14.29 4.34 -6.28
CA LEU A 202 14.27 2.89 -6.24
C LEU A 202 14.03 2.30 -7.62
N HIS A 203 14.80 1.27 -7.95
CA HIS A 203 14.45 0.46 -9.11
C HIS A 203 13.09 -0.18 -8.86
N GLU A 204 12.49 -0.68 -9.95
CA GLU A 204 11.18 -1.32 -9.86
C GLU A 204 11.25 -2.59 -9.02
N GLU A 205 12.31 -3.39 -9.25
CA GLU A 205 12.57 -4.59 -8.46
C GLU A 205 12.64 -4.29 -6.96
N GLU A 206 13.21 -3.15 -6.59
CA GLU A 206 13.29 -2.80 -5.17
C GLU A 206 11.96 -2.24 -4.65
N HIS A 207 11.25 -1.47 -5.47
CA HIS A 207 9.94 -0.96 -5.06
C HIS A 207 8.97 -2.10 -4.79
N VAL A 208 8.98 -3.11 -5.64
CA VAL A 208 8.10 -4.26 -5.48
C VAL A 208 8.45 -5.03 -4.21
N LEU A 209 9.74 -5.35 -4.02
CA LEU A 209 10.16 -6.12 -2.86
C LEU A 209 9.70 -5.46 -1.57
N LEU A 210 9.87 -4.14 -1.47
CA LEU A 210 9.45 -3.43 -0.28
C LEU A 210 7.95 -3.57 -0.05
N MET A 211 7.15 -3.70 -1.11
CA MET A 211 5.73 -3.99 -0.90
C MET A 211 5.53 -5.36 -0.26
N ALA A 212 6.12 -6.42 -0.85
CA ALA A 212 5.99 -7.75 -0.28
C ALA A 212 6.60 -7.84 1.12
N ILE A 213 7.68 -7.10 1.37
CA ILE A 213 8.26 -7.10 2.71
C ILE A 213 7.30 -6.44 3.70
N CYS A 214 6.69 -5.32 3.29
CA CYS A 214 5.80 -4.59 4.18
C CYS A 214 4.55 -5.39 4.50
N LEU A 215 3.99 -6.07 3.49
CA LEU A 215 2.87 -6.97 3.68
C LEU A 215 3.23 -8.13 4.61
N LEU A 216 4.37 -8.77 4.38
CA LEU A 216 4.80 -9.97 5.12
C LEU A 216 5.43 -9.68 6.49
N SER A 217 5.00 -8.62 7.22
CA SER A 217 5.55 -8.37 8.57
C SER A 217 4.74 -9.14 9.61
N PRO A 218 5.38 -9.88 10.54
CA PRO A 218 4.60 -10.62 11.54
C PRO A 218 4.26 -9.84 12.81
N ASP A 219 4.89 -8.68 13.05
CA ASP A 219 4.57 -7.92 14.24
C ASP A 219 3.27 -7.15 14.05
N ARG A 220 2.26 -7.85 13.55
CA ARG A 220 0.98 -7.26 13.25
C ARG A 220 -0.12 -7.93 14.07
N PRO A 221 -1.10 -7.16 14.52
CA PRO A 221 -2.18 -7.74 15.34
C PRO A 221 -2.93 -8.82 14.56
N GLY A 222 -3.09 -9.99 15.19
CA GLY A 222 -3.93 -11.03 14.66
C GLY A 222 -3.21 -12.20 14.01
N VAL A 223 -1.89 -12.16 13.97
CA VAL A 223 -1.12 -13.21 13.30
C VAL A 223 -0.90 -14.35 14.27
N GLN A 224 -1.17 -15.58 13.80
CA GLN A 224 -0.97 -16.79 14.57
C GLN A 224 0.30 -17.53 14.20
N ASP A 225 0.67 -17.52 12.93
CA ASP A 225 1.83 -18.24 12.44
C ASP A 225 2.97 -17.24 12.26
N HIS A 226 3.55 -16.85 13.41
CA HIS A 226 4.68 -15.93 13.37
C HIS A 226 5.90 -16.57 12.74
N VAL A 227 6.01 -17.89 12.82
CA VAL A 227 7.22 -18.52 12.28
C VAL A 227 7.16 -18.64 10.77
N ARG A 228 5.99 -18.84 10.17
CA ARG A 228 5.99 -19.08 8.73
C ARG A 228 6.17 -17.79 7.96
N ILE A 229 5.55 -16.69 8.40
CA ILE A 229 5.61 -15.49 7.59
C ILE A 229 6.93 -14.74 7.84
N GLU A 230 7.45 -14.79 9.07
CA GLU A 230 8.80 -14.28 9.31
C GLU A 230 9.80 -14.97 8.39
N ALA A 231 9.73 -16.30 8.31
CA ALA A 231 10.55 -17.03 7.35
C ALA A 231 10.37 -16.50 5.93
N LEU A 232 9.15 -16.14 5.54
CA LEU A 232 8.96 -15.61 4.20
C LEU A 232 9.53 -14.21 4.07
N GLN A 233 9.34 -13.38 5.11
CA GLN A 233 9.80 -12.00 5.03
C GLN A 233 11.32 -11.92 5.00
N ASP A 234 12.00 -12.68 5.87
CA ASP A 234 13.46 -12.74 5.87
C ASP A 234 13.98 -13.11 4.49
N ARG A 235 13.37 -14.12 3.86
CA ARG A 235 13.74 -14.52 2.50
C ARG A 235 13.67 -13.34 1.53
N LEU A 236 12.71 -12.42 1.72
CA LEU A 236 12.59 -11.26 0.83
C LEU A 236 13.69 -10.23 1.10
N CYS A 237 13.99 -9.97 2.37
CA CYS A 237 15.07 -9.04 2.73
C CYS A 237 16.42 -9.51 2.18
N ASP A 238 16.70 -10.81 2.29
CA ASP A 238 17.93 -11.30 1.72
C ASP A 238 17.94 -11.14 0.21
N VAL A 239 16.78 -11.30 -0.43
CA VAL A 239 16.75 -11.02 -1.86
C VAL A 239 16.97 -9.53 -2.10
N LEU A 240 16.35 -8.69 -1.26
CA LEU A 240 16.54 -7.25 -1.38
C LEU A 240 18.00 -6.84 -1.18
N GLN A 241 18.64 -7.35 -0.13
CA GLN A 241 20.02 -6.95 0.14
C GLN A 241 20.94 -7.37 -1.00
N ALA A 242 20.77 -8.60 -1.50
CA ALA A 242 21.56 -9.07 -2.63
C ALA A 242 21.33 -8.21 -3.86
N TYR A 243 20.07 -7.84 -4.14
CA TYR A 243 19.78 -7.03 -5.32
C TYR A 243 20.55 -5.72 -5.30
N ILE A 244 20.52 -5.01 -4.17
CA ILE A 244 21.26 -3.75 -4.06
C ILE A 244 22.77 -3.95 -4.16
N ARG A 245 23.31 -5.04 -3.57
CA ARG A 245 24.74 -5.34 -3.75
C ARG A 245 25.09 -5.41 -5.23
N ILE A 246 24.41 -6.30 -5.96
CA ILE A 246 24.80 -6.64 -7.32
C ILE A 246 24.31 -5.60 -8.33
N GLN A 247 23.06 -5.15 -8.22
CA GLN A 247 22.41 -4.42 -9.31
C GLN A 247 22.26 -2.92 -9.11
N HIS A 248 22.36 -2.40 -7.88
CA HIS A 248 22.21 -0.96 -7.66
C HIS A 248 23.55 -0.32 -7.39
N PRO A 249 24.03 0.56 -8.27
CA PRO A 249 25.30 1.26 -8.07
C PRO A 249 25.19 2.39 -7.04
N GLY A 250 25.98 2.30 -5.97
CA GLY A 250 25.91 3.27 -4.90
C GLY A 250 24.79 3.07 -3.90
N GLY A 251 24.29 1.85 -3.73
CA GLY A 251 23.21 1.60 -2.80
C GLY A 251 23.64 1.18 -1.41
N ARG A 252 24.89 1.50 -1.07
CA ARG A 252 25.51 1.03 0.16
C ARG A 252 24.79 1.51 1.41
N LEU A 253 23.95 2.55 1.30
CA LEU A 253 23.11 2.97 2.41
C LEU A 253 21.63 2.65 2.17
N LEU A 254 21.28 2.04 1.03
CA LEU A 254 19.89 2.07 0.58
C LEU A 254 18.97 1.14 1.38
N TYR A 255 19.41 -0.10 1.65
CA TYR A 255 18.60 -1.03 2.44
C TYR A 255 18.26 -0.45 3.81
N ALA A 256 19.12 0.38 4.38
CA ALA A 256 18.82 0.98 5.67
C ALA A 256 17.74 2.06 5.57
N LYS A 257 17.77 2.86 4.49
CA LYS A 257 16.78 3.93 4.31
C LYS A 257 15.41 3.36 3.98
N MET A 258 15.40 2.26 3.23
CA MET A 258 14.15 1.59 2.89
C MET A 258 13.51 0.98 4.14
N ILE A 259 14.31 0.35 4.99
CA ILE A 259 13.77 -0.18 6.24
C ILE A 259 13.26 0.95 7.12
N GLN A 260 13.91 2.11 7.08
CA GLN A 260 13.34 3.25 7.79
C GLN A 260 11.97 3.59 7.24
N LYS A 261 11.82 3.57 5.92
CA LYS A 261 10.52 3.88 5.31
C LYS A 261 9.42 2.96 5.84
N LEU A 262 9.76 1.71 6.15
CA LEU A 262 8.79 0.82 6.77
C LEU A 262 8.32 1.39 8.11
N ALA A 263 9.26 1.82 8.95
CA ALA A 263 8.88 2.43 10.22
C ALA A 263 8.14 3.74 10.01
N ASP A 264 8.46 4.48 8.95
CA ASP A 264 7.71 5.69 8.69
C ASP A 264 6.29 5.36 8.29
N LEU A 265 6.11 4.22 7.62
CA LEU A 265 4.79 3.77 7.22
C LEU A 265 3.91 3.45 8.41
N ARG A 266 4.51 2.96 9.50
CA ARG A 266 3.73 2.60 10.68
C ARG A 266 3.19 3.84 11.37
N SER A 267 3.97 4.90 11.44
CA SER A 267 3.45 6.15 11.98
C SER A 267 2.28 6.66 11.15
N LEU A 268 2.28 6.42 9.83
CA LEU A 268 1.19 6.87 8.97
C LEU A 268 -0.07 6.03 9.14
N ASN A 269 0.11 4.71 9.20
CA ASN A 269 -0.99 3.81 9.54
C ASN A 269 -1.65 4.21 10.86
N GLU A 270 -0.86 4.32 11.93
CA GLU A 270 -1.42 4.59 13.25
C GLU A 270 -2.29 5.85 13.22
N GLU A 271 -1.79 6.91 12.54
CA GLU A 271 -2.53 8.15 12.40
C GLU A 271 -3.82 7.95 11.60
N HIS A 272 -3.70 7.36 10.41
CA HIS A 272 -4.89 7.11 9.60
C HIS A 272 -5.92 6.26 10.35
N SER A 273 -5.46 5.21 11.04
CA SER A 273 -6.36 4.43 11.87
C SER A 273 -7.02 5.29 12.94
N LYS A 274 -6.28 6.27 13.47
CA LYS A 274 -6.86 7.17 14.47
C LYS A 274 -7.92 8.07 13.87
N GLN A 275 -7.66 8.65 12.69
CA GLN A 275 -8.60 9.58 12.09
C GLN A 275 -9.77 8.87 11.44
N TYR A 276 -9.57 7.63 10.97
CA TYR A 276 -10.69 6.85 10.44
C TYR A 276 -11.71 6.55 11.53
N ARG A 277 -11.28 6.32 12.77
CA ARG A 277 -12.24 6.09 13.85
C ARG A 277 -13.15 7.29 14.05
N SER A 278 -12.66 8.51 13.84
CA SER A 278 -13.55 9.67 13.95
C SER A 278 -14.53 9.71 12.80
N LEU A 279 -14.08 9.30 11.61
CA LEU A 279 -14.96 9.32 10.45
C LEU A 279 -16.06 8.27 10.55
N SER A 280 -15.74 7.10 11.10
CA SER A 280 -16.71 6.01 11.15
C SER A 280 -17.69 6.14 12.32
N PHE A 281 -17.39 6.96 13.33
CA PHE A 281 -18.36 7.22 14.40
C PHE A 281 -19.38 8.28 14.01
N GLN A 282 -19.21 8.86 12.83
CA GLN A 282 -20.17 9.80 12.28
C GLN A 282 -20.85 9.11 11.10
N PRO A 283 -22.09 8.65 11.26
CA PRO A 283 -22.73 7.90 10.16
C PRO A 283 -22.98 8.73 8.93
N GLU A 284 -23.12 10.06 9.08
CA GLU A 284 -23.27 10.92 7.91
C GLU A 284 -22.05 10.85 6.99
N HIS A 285 -20.88 10.54 7.53
CA HIS A 285 -19.69 10.33 6.70
C HIS A 285 -19.43 8.85 6.44
N SER A 286 -19.67 7.98 7.43
CA SER A 286 -19.41 6.56 7.24
C SER A 286 -20.26 5.97 6.10
N MET A 287 -21.45 6.51 5.83
CA MET A 287 -22.24 5.96 4.74
C MET A 287 -21.68 6.33 3.37
N GLN A 288 -20.72 7.23 3.30
CA GLN A 288 -20.08 7.59 2.05
C GLN A 288 -19.01 6.59 1.61
N LEU A 289 -18.55 5.71 2.52
CA LEU A 289 -17.50 4.78 2.17
C LEU A 289 -18.09 3.55 1.50
N THR A 290 -17.25 2.72 1.01
CA THR A 290 -17.72 1.52 0.34
C THR A 290 -17.69 0.32 1.27
N PRO A 291 -18.49 -0.71 0.98
CA PRO A 291 -18.52 -1.88 1.87
C PRO A 291 -17.18 -2.55 2.08
N LEU A 292 -16.30 -2.58 1.07
CA LEU A 292 -14.97 -3.17 1.28
C LEU A 292 -14.18 -2.36 2.29
N VAL A 293 -14.05 -1.05 2.05
CA VAL A 293 -13.39 -0.15 3.01
C VAL A 293 -13.88 -0.42 4.44
N LEU A 294 -15.19 -0.56 4.62
CA LEU A 294 -15.71 -0.78 5.97
C LEU A 294 -15.21 -2.10 6.55
N GLU A 295 -15.00 -3.11 5.70
CA GLU A 295 -14.53 -4.42 6.17
C GLU A 295 -13.05 -4.38 6.52
N VAL A 296 -12.24 -3.81 5.63
CA VAL A 296 -10.80 -3.82 5.80
C VAL A 296 -10.39 -2.92 6.96
N PHE A 297 -10.82 -1.67 6.95
CA PHE A 297 -10.51 -0.74 8.02
C PHE A 297 -11.39 -0.94 9.24
N GLY A 298 -12.37 -1.81 9.17
CA GLY A 298 -13.17 -2.14 10.32
C GLY A 298 -12.34 -2.77 11.43
N SER A 299 -12.98 -2.90 12.60
CA SER A 299 -12.31 -3.49 13.79
C SER A 299 -12.95 -4.84 14.13
N GLU A 300 -13.16 -5.69 13.12
CA GLU A 300 -13.77 -7.03 13.34
C GLU A 300 -12.67 -8.09 13.33
N VAL A 301 -12.85 -9.17 14.11
CA VAL A 301 -11.85 -10.27 14.19
C VAL A 301 -12.51 -11.57 13.71
N HIS B 2 -16.03 -11.58 7.66
CA HIS B 2 -15.31 -10.84 6.61
C HIS B 2 -15.66 -11.32 5.16
N LYS B 3 -16.96 -11.29 4.83
CA LYS B 3 -17.51 -11.94 3.63
C LYS B 3 -16.75 -11.62 2.35
N ILE B 4 -16.48 -10.33 2.10
CA ILE B 4 -15.83 -9.90 0.87
C ILE B 4 -14.35 -10.28 0.85
N LEU B 5 -13.68 -10.24 2.00
CA LEU B 5 -12.28 -10.63 2.01
C LEU B 5 -12.12 -12.10 1.69
N HIS B 6 -12.89 -12.97 2.37
CA HIS B 6 -12.85 -14.40 2.04
C HIS B 6 -13.11 -14.62 0.57
N ARG B 7 -14.10 -13.93 0.03
CA ARG B 7 -14.47 -14.15 -1.35
C ARG B 7 -13.38 -13.67 -2.29
N LEU B 8 -12.73 -12.57 -1.92
CA LEU B 8 -11.66 -12.02 -2.74
C LEU B 8 -10.40 -12.87 -2.69
N LEU B 9 -10.14 -13.56 -1.58
CA LEU B 9 -9.01 -14.47 -1.51
C LEU B 9 -9.32 -15.84 -2.11
N GLN B 10 -10.49 -16.02 -2.73
CA GLN B 10 -11.00 -17.32 -3.23
C GLN B 10 -11.11 -18.34 -2.10
C27 FKC C . -11.60 8.02 3.98
C19 FKC C . -5.68 10.91 2.78
C24 FKC C . -2.18 5.96 -6.85
C17 FKC C . -3.93 7.90 -2.65
C12 FKC C . -5.69 9.47 -1.58
C13 FKC C . -4.24 8.89 -1.58
C1 FKC C . -7.85 10.12 2.02
C4 FKC C . -7.29 7.47 3.02
C3 FKC C . -8.71 8.02 3.00
C7 FKC C . -4.41 7.59 2.02
C8 FKC C . -4.44 8.66 0.96
C10 FKC C . -6.44 9.71 2.24
C2 FKC C . -8.83 8.98 1.83
C6 FKC C . -4.88 8.10 3.34
O4A FKC C . -1.37 5.89 -7.84
O4 FKC C . -2.63 4.89 -6.35
C23 FKC C . -2.62 7.32 -6.27
C22 FKC C . -3.22 7.09 -4.89
C20 FKC C . -3.34 8.37 -4.02
C21 FKC C . -4.20 9.41 -4.73
C18 FKC C . -3.24 10.02 -1.45
C16 FKC C . -2.89 6.92 -2.05
C15 FKC C . -2.82 7.26 -0.48
C14 FKC C . -4.17 7.97 -0.37
C9 FKC C . -5.88 9.14 0.86
C11 FKC C . -5.98 10.11 -0.23
C5 FKC C . -6.31 8.62 3.32
C29 FKC C . -9.68 6.86 2.87
C25 FKC C . -10.66 6.80 4.07
C26 FKC C . -11.47 5.52 3.99
O28 FKC C . -10.01 6.83 5.33
#